data_4AYL
#
_entry.id   4AYL
#
_cell.length_a   41.227
_cell.length_b   41.227
_cell.length_c   282.944
_cell.angle_alpha   90.00
_cell.angle_beta   90.00
_cell.angle_gamma   90.00
#
_symmetry.space_group_name_H-M   'P 43 2 2'
#
loop_
_entity.id
_entity.type
_entity.pdbx_description
1 polymer 'BOGT-METAL-INDEPENDENT GLYCOSYLTRANSFERASE'
2 non-polymer 'CALCIUM ION'
3 non-polymer '4-(2-HYDROXYETHYL)-1-PIPERAZINE ETHANESULFONIC ACID'
4 non-polymer 'CHLORIDE ION'
5 water water
#
_entity_poly.entity_id   1
_entity_poly.type   'polypeptide(L)'
_entity_poly.pdbx_seq_one_letter_code
;MRIGILYICTGKYDIFWKDFYLSAERYFMQDQSFIIEYYVFTDSPKLYDEENNKHIHRIKQKNLGWPDNTLKRFHIFLRI
KEQLERETDYLFFFNANLLFTSPIGKEILPPSDSNGLLGTMHPGFYNKPNSEFTYERRDASTAYIPEGEGRYYYAGGLSG
GCTKAYLKLCTTICSWVDRDATNHIIPIWHDESLINKYFLDNPPAITLSPAYLYPEGWLLPFEPIILIRDKNKPQYGGHE
LLRRKN
;
_entity_poly.pdbx_strand_id   A
#
# COMPACT_ATOMS: atom_id res chain seq x y z
N MET A 1 -4.84 -3.33 -18.43
CA MET A 1 -5.31 -3.00 -17.09
C MET A 1 -4.51 -1.86 -16.44
N ARG A 2 -5.24 -1.00 -15.74
CA ARG A 2 -4.68 0.18 -15.12
C ARG A 2 -4.43 -0.14 -13.65
N ILE A 3 -3.17 -0.11 -13.26
CA ILE A 3 -2.77 -0.49 -11.89
C ILE A 3 -2.34 0.74 -11.12
N GLY A 4 -3.11 1.13 -10.12
CA GLY A 4 -2.76 2.25 -9.27
C GLY A 4 -1.93 1.83 -8.08
N ILE A 5 -0.83 2.55 -7.85
CA ILE A 5 0.00 2.37 -6.67
C ILE A 5 -0.24 3.51 -5.68
N LEU A 6 -0.62 3.15 -4.46
CA LEU A 6 -0.83 4.11 -3.37
C LEU A 6 0.40 4.18 -2.49
N TYR A 7 0.90 5.39 -2.26
CA TYR A 7 2.19 5.54 -1.62
C TYR A 7 2.22 6.82 -0.82
N ILE A 8 2.44 6.70 0.48
CA ILE A 8 2.49 7.85 1.37
C ILE A 8 3.93 8.09 1.78
N CYS A 9 4.40 9.31 1.60
CA CYS A 9 5.74 9.66 2.05
C CYS A 9 5.82 11.12 2.54
N THR A 10 5.10 11.43 3.61
CA THR A 10 5.19 12.74 4.25
C THR A 10 6.49 12.91 5.02
N GLY A 11 6.90 14.15 5.21
CA GLY A 11 8.07 14.47 5.99
C GLY A 11 9.35 13.86 5.46
N LYS A 12 10.09 13.19 6.34
CA LYS A 12 11.36 12.59 6.01
C LYS A 12 11.23 11.33 5.14
N TYR A 13 10.04 10.76 5.05
CA TYR A 13 9.81 9.54 4.29
C TYR A 13 10.00 9.74 2.79
N ASP A 14 9.93 10.99 2.34
CA ASP A 14 10.05 11.24 0.90
C ASP A 14 11.39 10.75 0.36
N ILE A 15 12.39 10.59 1.24
CA ILE A 15 13.69 10.06 0.84
C ILE A 15 13.62 8.65 0.23
N PHE A 16 12.57 7.91 0.58
CA PHE A 16 12.38 6.55 0.07
C PHE A 16 11.73 6.49 -1.31
N TRP A 17 11.19 7.61 -1.77
CA TRP A 17 10.44 7.56 -3.03
C TRP A 17 11.28 7.16 -4.24
N LYS A 18 12.44 7.80 -4.41
CA LYS A 18 13.22 7.64 -5.64
C LYS A 18 13.51 6.17 -5.97
N ASP A 19 14.06 5.43 -5.01
CA ASP A 19 14.41 4.03 -5.25
C ASP A 19 13.23 3.08 -5.26
N PHE A 20 12.17 3.40 -4.52
CA PHE A 20 10.93 2.65 -4.64
C PHE A 20 10.45 2.76 -6.09
N TYR A 21 10.38 4.01 -6.56
CA TYR A 21 9.89 4.32 -7.91
C TYR A 21 10.72 3.64 -8.99
N LEU A 22 12.03 3.81 -8.91
CA LEU A 22 12.92 3.20 -9.90
C LEU A 22 12.75 1.68 -9.90
N SER A 23 12.70 1.07 -8.73
CA SER A 23 12.53 -0.38 -8.66
C SER A 23 11.16 -0.84 -9.21
N ALA A 24 10.14 -0.02 -9.02
CA ALA A 24 8.82 -0.34 -9.54
C ALA A 24 8.83 -0.25 -11.07
N GLU A 25 9.44 0.80 -11.60
CA GLU A 25 9.57 0.94 -13.05
C GLU A 25 10.32 -0.24 -13.64
N ARG A 26 11.25 -0.80 -12.87
CA ARG A 26 12.08 -1.89 -13.38
C ARG A 26 11.38 -3.25 -13.28
N TYR A 27 10.67 -3.46 -12.18
CA TYR A 27 10.22 -4.80 -11.82
C TYR A 27 8.70 -5.02 -11.70
N PHE A 28 7.92 -3.95 -11.48
CA PHE A 28 6.51 -4.14 -11.15
C PHE A 28 5.63 -4.08 -12.41
N MET A 29 4.93 -5.18 -12.72
CA MET A 29 4.08 -5.26 -13.92
C MET A 29 4.82 -4.83 -15.17
N GLN A 30 5.90 -5.52 -15.48
CA GLN A 30 6.77 -5.16 -16.60
C GLN A 30 6.04 -5.21 -17.95
N ASP A 31 5.05 -6.09 -18.08
CA ASP A 31 4.29 -6.24 -19.32
C ASP A 31 3.69 -4.89 -19.69
N GLN A 32 4.08 -4.37 -20.86
CA GLN A 32 3.75 -3.00 -21.24
C GLN A 32 2.25 -2.75 -21.45
N SER A 33 1.48 -3.82 -21.58
CA SER A 33 0.03 -3.71 -21.62
C SER A 33 -0.56 -3.15 -20.31
N PHE A 34 0.11 -3.37 -19.19
CA PHE A 34 -0.32 -2.75 -17.93
C PHE A 34 0.11 -1.31 -17.93
N ILE A 35 -0.74 -0.44 -17.42
CA ILE A 35 -0.40 0.98 -17.30
C ILE A 35 -0.45 1.40 -15.84
N ILE A 36 0.69 1.80 -15.31
CA ILE A 36 0.79 2.06 -13.88
C ILE A 36 0.66 3.55 -13.61
N GLU A 37 -0.15 3.88 -12.59
CA GLU A 37 -0.29 5.24 -12.09
C GLU A 37 0.20 5.27 -10.64
N TYR A 38 1.02 6.26 -10.31
CA TYR A 38 1.51 6.43 -8.95
C TYR A 38 0.74 7.55 -8.26
N TYR A 39 0.12 7.24 -7.13
CA TYR A 39 -0.56 8.25 -6.35
C TYR A 39 0.23 8.45 -5.07
N VAL A 40 0.96 9.56 -5.03
CA VAL A 40 1.96 9.77 -3.99
C VAL A 40 1.52 10.92 -3.09
N PHE A 41 1.14 10.56 -1.87
CA PHE A 41 0.61 11.53 -0.92
C PHE A 41 1.75 12.06 -0.08
N THR A 42 2.06 13.34 -0.26
CA THR A 42 3.25 13.90 0.36
C THR A 42 3.15 15.41 0.57
N ASP A 43 3.93 15.90 1.52
CA ASP A 43 4.05 17.34 1.74
C ASP A 43 5.27 17.88 1.00
N SER A 44 6.04 17.00 0.37
CA SER A 44 7.17 17.43 -0.43
C SER A 44 6.69 18.31 -1.59
N PRO A 45 7.44 19.38 -1.92
CA PRO A 45 7.03 20.27 -3.01
C PRO A 45 7.27 19.67 -4.39
N LYS A 46 8.15 18.68 -4.46
CA LYS A 46 8.46 18.02 -5.73
C LYS A 46 9.09 16.63 -5.53
N LEU A 47 8.53 15.64 -6.23
CA LEU A 47 9.06 14.29 -6.18
C LEU A 47 10.04 14.04 -7.32
N TYR A 48 10.98 13.14 -7.09
CA TYR A 48 11.86 12.66 -8.13
C TYR A 48 11.07 12.22 -9.36
N ASP A 49 11.47 12.73 -10.52
CA ASP A 49 10.93 12.36 -11.84
C ASP A 49 9.51 12.88 -12.13
N GLU A 50 8.92 13.58 -11.17
CA GLU A 50 7.61 14.19 -11.34
C GLU A 50 7.49 15.07 -12.60
N GLU A 51 8.56 15.77 -12.91
CA GLU A 51 8.56 16.70 -14.05
C GLU A 51 8.65 15.97 -15.39
N ASN A 52 9.03 14.70 -15.38
CA ASN A 52 9.14 13.90 -16.60
C ASN A 52 8.01 12.92 -16.81
N ASN A 53 7.45 12.40 -15.73
CA ASN A 53 6.52 11.30 -15.82
C ASN A 53 5.16 11.70 -15.23
N LYS A 54 4.17 11.88 -16.09
CA LYS A 54 2.85 12.29 -15.64
C LYS A 54 1.99 11.17 -15.04
N HIS A 55 2.47 9.93 -15.11
CA HIS A 55 1.90 8.84 -14.32
C HIS A 55 2.18 9.00 -12.82
N ILE A 56 3.10 9.90 -12.49
CA ILE A 56 3.32 10.28 -11.11
C ILE A 56 2.33 11.37 -10.72
N HIS A 57 1.35 11.02 -9.88
CA HIS A 57 0.33 11.97 -9.45
C HIS A 57 0.65 12.35 -8.01
N ARG A 58 1.30 13.50 -7.82
CA ARG A 58 1.57 13.96 -6.45
C ARG A 58 0.28 14.53 -5.87
N ILE A 59 -0.11 14.02 -4.71
CA ILE A 59 -1.29 14.49 -3.98
C ILE A 59 -0.83 15.22 -2.73
N LYS A 60 -1.15 16.50 -2.62
CA LYS A 60 -0.79 17.28 -1.46
C LYS A 60 -1.33 16.65 -0.17
N GLN A 61 -0.44 16.37 0.79
CA GLN A 61 -0.84 15.79 2.07
C GLN A 61 -0.01 16.37 3.21
N LYS A 62 -0.72 16.94 4.19
CA LYS A 62 -0.14 17.41 5.44
C LYS A 62 0.62 16.30 6.18
N ASN A 63 1.75 16.63 6.76
CA ASN A 63 2.47 15.70 7.61
C ASN A 63 1.69 15.54 8.91
N LEU A 64 1.38 14.30 9.28
CA LEU A 64 0.41 14.05 10.34
C LEU A 64 0.93 13.65 11.75
N GLY A 65 1.99 12.84 11.84
CA GLY A 65 2.51 12.31 13.11
C GLY A 65 1.66 11.28 13.86
N TRP A 66 2.22 10.52 14.83
CA TRP A 66 1.41 9.55 15.64
C TRP A 66 0.17 10.24 16.23
N PRO A 67 -0.96 9.53 16.20
CA PRO A 67 -1.04 8.21 15.57
C PRO A 67 -1.45 8.32 14.11
N ASP A 68 -1.89 9.52 13.75
CA ASP A 68 -2.59 9.78 12.51
C ASP A 68 -1.96 9.30 11.20
N ASN A 69 -0.63 9.38 11.07
CA ASN A 69 0.00 9.14 9.76
C ASN A 69 -0.24 7.73 9.18
N THR A 70 -0.47 6.77 10.06
CA THR A 70 -0.77 5.41 9.63
C THR A 70 -2.22 5.08 9.96
N LEU A 71 -2.71 5.68 11.05
CA LEU A 71 -4.09 5.53 11.49
C LEU A 71 -5.07 6.12 10.46
N LYS A 72 -4.65 7.19 9.78
CA LYS A 72 -5.52 7.87 8.82
C LYS A 72 -5.17 7.51 7.38
N ARG A 73 -4.32 6.50 7.22
CA ARG A 73 -3.92 5.99 5.91
C ARG A 73 -5.08 5.88 4.92
N PHE A 74 -6.17 5.23 5.34
CA PHE A 74 -7.26 4.97 4.42
C PHE A 74 -8.15 6.18 4.18
N HIS A 75 -8.19 7.09 5.16
CA HIS A 75 -8.85 8.37 5.00
C HIS A 75 -8.15 9.12 3.87
N ILE A 76 -6.82 9.02 3.87
CA ILE A 76 -6.00 9.74 2.90
C ILE A 76 -6.31 9.27 1.49
N PHE A 77 -6.42 7.96 1.29
CA PHE A 77 -6.75 7.42 -0.02
C PHE A 77 -8.15 7.87 -0.47
N LEU A 78 -9.09 7.95 0.45
CA LEU A 78 -10.48 8.18 0.07
C LEU A 78 -10.76 9.61 -0.39
N ARG A 79 -9.87 10.52 -0.03
CA ARG A 79 -9.98 11.91 -0.50
C ARG A 79 -10.04 11.98 -2.02
N ILE A 80 -9.34 11.05 -2.68
CA ILE A 80 -9.34 10.99 -4.14
C ILE A 80 -10.02 9.74 -4.71
N LYS A 81 -11.03 9.21 -4.03
CA LYS A 81 -11.68 7.98 -4.47
C LYS A 81 -12.33 8.13 -5.84
N GLU A 82 -12.85 9.32 -6.13
CA GLU A 82 -13.47 9.59 -7.43
C GLU A 82 -12.44 9.47 -8.56
N GLN A 83 -11.30 10.12 -8.38
CA GLN A 83 -10.17 9.96 -9.30
C GLN A 83 -9.73 8.51 -9.41
N LEU A 84 -9.58 7.81 -8.28
CA LEU A 84 -9.14 6.41 -8.33
C LEU A 84 -10.14 5.50 -9.09
N GLU A 85 -11.44 5.71 -8.88
CA GLU A 85 -12.43 4.92 -9.61
C GLU A 85 -12.40 5.16 -11.13
N ARG A 86 -12.14 6.39 -11.54
CA ARG A 86 -12.12 6.67 -12.96
C ARG A 86 -10.80 6.27 -13.66
N GLU A 87 -9.69 6.22 -12.91
CA GLU A 87 -8.36 5.99 -13.51
C GLU A 87 -7.69 4.62 -13.25
N THR A 88 -8.29 3.77 -12.41
CA THR A 88 -7.64 2.50 -12.06
C THR A 88 -8.60 1.32 -12.06
N ASP A 89 -8.05 0.14 -12.33
CA ASP A 89 -8.76 -1.14 -12.20
C ASP A 89 -8.28 -1.93 -10.97
N TYR A 90 -7.06 -1.65 -10.55
CA TYR A 90 -6.51 -2.23 -9.33
C TYR A 90 -5.83 -1.14 -8.52
N LEU A 91 -5.73 -1.37 -7.22
CA LEU A 91 -5.03 -0.46 -6.31
C LEU A 91 -4.14 -1.30 -5.41
N PHE A 92 -2.91 -0.85 -5.20
CA PHE A 92 -2.03 -1.48 -4.24
C PHE A 92 -1.28 -0.45 -3.41
N PHE A 93 -1.36 -0.62 -2.10
CA PHE A 93 -0.59 0.21 -1.19
C PHE A 93 0.72 -0.46 -0.80
N PHE A 94 1.80 0.31 -0.84
CA PHE A 94 3.12 -0.15 -0.48
C PHE A 94 3.72 0.80 0.55
N ASN A 95 4.22 0.27 1.67
CA ASN A 95 4.87 1.09 2.66
C ASN A 95 6.07 1.81 2.04
N ALA A 96 6.43 2.97 2.59
CA ALA A 96 7.38 3.86 1.93
C ALA A 96 8.73 3.20 1.66
N ASN A 97 9.23 2.41 2.61
CA ASN A 97 10.57 1.86 2.48
C ASN A 97 10.68 0.53 1.74
N LEU A 98 9.58 0.08 1.12
CA LEU A 98 9.60 -1.12 0.30
C LEU A 98 10.45 -0.92 -0.96
N LEU A 99 11.00 -2.01 -1.49
CA LEU A 99 11.84 -1.97 -2.68
C LEU A 99 11.64 -3.26 -3.49
N PHE A 100 11.25 -3.12 -4.76
CA PHE A 100 11.10 -4.30 -5.62
C PHE A 100 12.48 -4.82 -5.98
N THR A 101 12.63 -6.15 -6.00
CA THR A 101 13.91 -6.78 -6.28
C THR A 101 13.85 -7.80 -7.42
N SER A 102 12.64 -8.17 -7.85
CA SER A 102 12.47 -9.14 -8.92
C SER A 102 11.08 -8.96 -9.56
N PRO A 103 10.88 -9.53 -10.76
CA PRO A 103 9.63 -9.23 -11.46
C PRO A 103 8.34 -9.70 -10.77
N ILE A 104 7.35 -8.83 -10.76
CA ILE A 104 6.02 -9.14 -10.25
C ILE A 104 5.03 -8.84 -11.36
N GLY A 105 4.15 -9.80 -11.63
CA GLY A 105 3.18 -9.65 -12.70
C GLY A 105 1.75 -9.98 -12.30
N LYS A 106 0.99 -10.49 -13.25
CA LYS A 106 -0.46 -10.66 -13.10
C LYS A 106 -0.86 -11.63 -12.00
N GLU A 107 0.10 -12.40 -11.48
CA GLU A 107 -0.18 -13.38 -10.43
C GLU A 107 -0.69 -12.73 -9.14
N ILE A 108 -0.45 -11.44 -8.96
CA ILE A 108 -0.95 -10.77 -7.77
C ILE A 108 -2.28 -10.07 -7.97
N LEU A 109 -2.87 -10.21 -9.15
CA LEU A 109 -4.17 -9.56 -9.41
C LEU A 109 -5.36 -10.47 -9.04
N PRO A 110 -6.16 -10.06 -8.05
CA PRO A 110 -7.34 -10.86 -7.70
C PRO A 110 -8.28 -10.97 -8.89
N PRO A 111 -8.69 -12.19 -9.27
CA PRO A 111 -9.56 -12.32 -10.44
C PRO A 111 -10.92 -11.67 -10.21
N SER A 112 -11.59 -11.26 -11.28
CA SER A 112 -12.83 -10.51 -11.16
C SER A 112 -13.96 -11.31 -10.51
N ASP A 113 -13.83 -12.63 -10.51
CA ASP A 113 -14.84 -13.48 -9.87
C ASP A 113 -14.53 -13.81 -8.41
N SER A 114 -13.46 -13.22 -7.87
CA SER A 114 -13.12 -13.40 -6.46
C SER A 114 -13.64 -12.19 -5.68
N ASN A 115 -13.36 -12.13 -4.38
CA ASN A 115 -13.76 -10.96 -3.60
C ASN A 115 -12.90 -9.73 -3.88
N GLY A 116 -11.88 -9.89 -4.73
CA GLY A 116 -11.13 -8.76 -5.24
C GLY A 116 -10.10 -8.19 -4.30
N LEU A 117 -9.76 -8.92 -3.23
CA LEU A 117 -8.87 -8.42 -2.19
C LEU A 117 -7.53 -9.14 -2.13
N LEU A 118 -6.49 -8.40 -1.75
CA LEU A 118 -5.15 -8.95 -1.54
C LEU A 118 -4.60 -8.49 -0.20
N GLY A 119 -4.06 -9.44 0.57
CA GLY A 119 -3.34 -9.13 1.79
C GLY A 119 -2.00 -9.85 1.80
N THR A 120 -1.15 -9.50 2.77
CA THR A 120 0.20 -10.06 2.85
C THR A 120 0.46 -10.57 4.26
N MET A 121 1.05 -11.75 4.36
CA MET A 121 1.41 -12.34 5.66
C MET A 121 2.52 -11.56 6.37
N HIS A 122 2.34 -11.34 7.66
CA HIS A 122 3.33 -10.66 8.47
C HIS A 122 4.55 -11.58 8.61
N PRO A 123 5.73 -11.08 8.23
CA PRO A 123 6.97 -11.88 8.23
C PRO A 123 7.34 -12.42 9.61
N GLY A 124 6.91 -11.75 10.67
CA GLY A 124 7.17 -12.19 12.04
C GLY A 124 6.38 -13.42 12.47
N PHE A 125 5.36 -13.78 11.70
CA PHE A 125 4.50 -14.89 12.10
C PHE A 125 4.72 -16.11 11.22
N TYR A 126 5.65 -16.01 10.27
CA TYR A 126 5.92 -17.11 9.35
C TYR A 126 6.14 -18.44 10.07
N ARG A 151 -6.50 -17.92 8.13
CA ARG A 151 -6.42 -17.38 9.48
C ARG A 151 -5.07 -16.71 9.74
N TYR A 152 -4.42 -16.21 8.69
CA TYR A 152 -3.08 -15.64 8.80
C TYR A 152 -3.09 -14.39 9.67
N TYR A 153 -1.92 -13.99 10.16
CA TYR A 153 -1.76 -12.67 10.77
C TYR A 153 -1.23 -11.77 9.67
N TYR A 154 -1.98 -10.72 9.32
CA TYR A 154 -1.61 -9.84 8.19
C TYR A 154 -0.76 -8.65 8.63
N ALA A 155 0.13 -8.22 7.75
CA ALA A 155 0.91 -7.02 7.96
C ALA A 155 0.28 -5.86 7.20
N GLY A 156 0.51 -4.63 7.66
CA GLY A 156 -0.07 -3.46 7.03
C GLY A 156 0.69 -2.91 5.84
N GLY A 157 1.93 -3.33 5.68
CA GLY A 157 2.83 -2.75 4.69
C GLY A 157 2.48 -2.99 3.22
N LEU A 158 1.60 -3.95 2.94
CA LEU A 158 1.21 -4.23 1.57
C LEU A 158 -0.20 -4.80 1.53
N SER A 159 -1.12 -4.06 0.93
CA SER A 159 -2.48 -4.54 0.75
C SER A 159 -3.01 -3.95 -0.53
N GLY A 160 -4.05 -4.54 -1.08
CA GLY A 160 -4.56 -4.05 -2.35
C GLY A 160 -5.73 -4.86 -2.83
N GLY A 161 -6.05 -4.70 -4.10
CA GLY A 161 -7.14 -5.42 -4.72
C GLY A 161 -7.68 -4.70 -5.93
N CYS A 162 -8.77 -5.23 -6.47
N CYS A 162 -8.77 -5.22 -6.49
CA CYS A 162 -9.52 -4.55 -7.52
CA CYS A 162 -9.44 -4.49 -7.56
C CYS A 162 -9.97 -3.20 -6.93
C CYS A 162 -9.93 -3.19 -6.94
N THR A 163 -10.04 -2.17 -7.76
CA THR A 163 -10.30 -0.82 -7.27
C THR A 163 -11.54 -0.72 -6.40
N LYS A 164 -12.64 -1.31 -6.86
CA LYS A 164 -13.91 -1.25 -6.15
C LYS A 164 -13.81 -1.97 -4.80
N ALA A 165 -13.20 -3.15 -4.78
CA ALA A 165 -13.07 -3.88 -3.51
C ALA A 165 -12.17 -3.18 -2.51
N TYR A 166 -11.04 -2.65 -2.98
CA TYR A 166 -10.12 -1.98 -2.08
C TYR A 166 -10.68 -0.69 -1.51
N LEU A 167 -11.46 0.03 -2.31
CA LEU A 167 -12.09 1.25 -1.82
C LEU A 167 -13.16 0.92 -0.78
N LYS A 168 -13.77 -0.25 -0.91
CA LYS A 168 -14.71 -0.71 0.11
C LYS A 168 -13.97 -1.01 1.41
N LEU A 169 -12.77 -1.56 1.26
CA LEU A 169 -11.92 -1.82 2.42
C LEU A 169 -11.59 -0.51 3.11
N CYS A 170 -11.14 0.48 2.33
CA CYS A 170 -10.83 1.82 2.87
C CYS A 170 -12.02 2.45 3.61
N THR A 171 -13.18 2.42 2.99
CA THR A 171 -14.39 3.01 3.57
C THR A 171 -14.75 2.33 4.87
N THR A 172 -14.61 1.00 4.91
CA THR A 172 -14.97 0.23 6.09
C THR A 172 -14.03 0.55 7.24
N ILE A 173 -12.73 0.49 6.96
CA ILE A 173 -11.73 0.80 7.98
C ILE A 173 -11.84 2.25 8.46
N CYS A 174 -12.13 3.14 7.52
N CYS A 174 -12.12 3.16 7.53
CA CYS A 174 -12.33 4.55 7.81
CA CYS A 174 -12.33 4.55 7.91
C CYS A 174 -13.49 4.75 8.81
C CYS A 174 -13.47 4.69 8.89
N SER A 175 -14.57 4.01 8.60
CA SER A 175 -15.73 4.08 9.48
C SER A 175 -15.39 3.60 10.89
N TRP A 176 -14.58 2.55 10.99
CA TRP A 176 -14.16 2.05 12.30
C TRP A 176 -13.31 3.07 13.06
N VAL A 177 -12.41 3.73 12.35
CA VAL A 177 -11.54 4.72 12.98
C VAL A 177 -12.35 5.92 13.45
N ASP A 178 -13.30 6.32 12.62
CA ASP A 178 -14.11 7.51 12.89
C ASP A 178 -14.99 7.39 14.12
N ARG A 179 -15.35 6.17 14.49
CA ARG A 179 -16.12 5.93 15.70
C ARG A 179 -15.44 6.52 16.94
N ASP A 180 -14.12 6.55 16.93
CA ASP A 180 -13.38 6.98 18.10
C ASP A 180 -12.68 8.30 17.90
N ALA A 181 -12.59 8.73 16.64
CA ALA A 181 -11.65 9.80 16.27
C ALA A 181 -11.83 11.09 17.06
N THR A 182 -13.06 11.40 17.46
CA THR A 182 -13.33 12.62 18.21
C THR A 182 -13.17 12.43 19.72
N ASN A 183 -13.91 11.47 20.29
CA ASN A 183 -13.92 11.22 21.73
C ASN A 183 -12.67 10.56 22.32
N HIS A 184 -12.03 9.68 21.56
CA HIS A 184 -10.80 9.04 22.05
C HIS A 184 -9.56 9.71 21.47
N ILE A 185 -8.78 10.31 22.36
CA ILE A 185 -7.52 10.92 21.97
C ILE A 185 -6.45 9.85 21.77
N ILE A 186 -6.31 8.94 22.73
CA ILE A 186 -5.48 7.75 22.54
C ILE A 186 -6.24 6.71 21.72
N PRO A 187 -5.70 6.32 20.56
CA PRO A 187 -6.44 5.39 19.71
C PRO A 187 -6.52 3.98 20.31
N ILE A 188 -7.62 3.29 20.04
CA ILE A 188 -7.74 1.89 20.39
C ILE A 188 -7.13 1.11 19.23
N TRP A 189 -7.42 1.56 18.02
CA TRP A 189 -7.01 0.87 16.82
C TRP A 189 -5.61 1.24 16.33
N HIS A 190 -5.04 0.39 15.49
CA HIS A 190 -3.81 0.66 14.79
C HIS A 190 -4.04 0.14 13.37
N ASP A 191 -3.41 0.73 12.36
CA ASP A 191 -3.65 0.34 10.95
C ASP A 191 -3.57 -1.18 10.77
N GLU A 192 -2.73 -1.83 11.56
CA GLU A 192 -2.51 -3.28 11.43
C GLU A 192 -3.61 -4.14 12.05
N SER A 193 -4.10 -3.75 13.22
CA SER A 193 -5.21 -4.46 13.85
C SER A 193 -6.46 -4.23 13.01
N LEU A 194 -6.57 -3.03 12.44
CA LEU A 194 -7.70 -2.67 11.56
C LEU A 194 -7.76 -3.59 10.34
N ILE A 195 -6.61 -3.79 9.70
CA ILE A 195 -6.54 -4.63 8.50
C ILE A 195 -6.75 -6.11 8.85
N ASN A 196 -6.28 -6.53 10.02
CA ASN A 196 -6.51 -7.90 10.46
C ASN A 196 -7.98 -8.17 10.77
N LYS A 197 -8.66 -7.18 11.35
N LYS A 197 -8.67 -7.20 11.34
CA LYS A 197 -10.10 -7.28 11.57
CA LYS A 197 -10.11 -7.36 11.56
C LYS A 197 -10.82 -7.38 10.23
C LYS A 197 -10.83 -7.42 10.21
N TYR A 198 -10.43 -6.55 9.29
CA TYR A 198 -11.07 -6.51 7.98
C TYR A 198 -10.93 -7.84 7.24
N PHE A 199 -9.72 -8.37 7.24
CA PHE A 199 -9.43 -9.62 6.51
C PHE A 199 -9.99 -10.83 7.26
N LEU A 200 -10.28 -10.69 8.55
CA LEU A 200 -10.96 -11.73 9.30
C LEU A 200 -12.38 -11.87 8.77
N ASP A 201 -13.08 -10.74 8.65
CA ASP A 201 -14.44 -10.70 8.11
C ASP A 201 -14.46 -11.01 6.62
N ASN A 202 -13.39 -10.63 5.93
CA ASN A 202 -13.30 -10.79 4.48
C ASN A 202 -11.97 -11.40 4.10
N PRO A 203 -11.84 -12.73 4.23
CA PRO A 203 -10.58 -13.40 3.90
C PRO A 203 -10.18 -13.09 2.47
N PRO A 204 -8.99 -12.50 2.26
CA PRO A 204 -8.71 -11.97 0.93
C PRO A 204 -8.51 -13.07 -0.12
N ALA A 205 -8.90 -12.79 -1.35
CA ALA A 205 -8.74 -13.73 -2.47
C ALA A 205 -7.30 -14.17 -2.58
N ILE A 206 -6.38 -13.24 -2.38
CA ILE A 206 -4.96 -13.54 -2.46
C ILE A 206 -4.28 -13.18 -1.15
N THR A 207 -3.55 -14.13 -0.59
CA THR A 207 -2.68 -13.88 0.55
C THR A 207 -1.24 -14.11 0.11
N LEU A 208 -0.47 -13.03 0.06
CA LEU A 208 0.92 -13.12 -0.35
C LEU A 208 1.78 -13.58 0.81
N SER A 209 2.84 -14.31 0.48
CA SER A 209 3.79 -14.78 1.47
C SER A 209 4.66 -13.59 1.93
N PRO A 210 5.37 -13.75 3.06
CA PRO A 210 6.26 -12.69 3.57
C PRO A 210 7.45 -12.41 2.65
N ALA A 211 7.59 -13.15 1.57
CA ALA A 211 8.60 -12.84 0.59
C ALA A 211 8.31 -11.46 -0.03
N TYR A 212 7.05 -11.02 0.06
CA TYR A 212 6.61 -9.73 -0.47
C TYR A 212 6.73 -8.63 0.58
N LEU A 213 7.10 -9.00 1.80
CA LEU A 213 7.42 -8.01 2.81
C LEU A 213 8.60 -8.54 3.62
N TYR A 214 9.75 -8.66 2.97
CA TYR A 214 10.92 -9.31 3.55
C TYR A 214 11.82 -8.31 4.26
N PRO A 215 11.86 -8.38 5.60
CA PRO A 215 12.64 -7.38 6.33
C PRO A 215 14.12 -7.62 6.11
N GLU A 216 14.80 -6.60 5.61
CA GLU A 216 16.22 -6.75 5.34
C GLU A 216 16.99 -7.17 6.60
N GLY A 217 17.85 -8.17 6.48
CA GLY A 217 18.59 -8.63 7.64
C GLY A 217 18.02 -9.86 8.33
N TRP A 218 16.75 -10.18 8.09
CA TRP A 218 16.10 -11.32 8.71
C TRP A 218 16.48 -12.66 8.10
N LEU A 219 16.33 -13.72 8.88
CA LEU A 219 16.54 -15.08 8.40
C LEU A 219 15.21 -15.76 8.12
N LEU A 220 14.82 -15.79 6.85
CA LEU A 220 13.58 -16.45 6.44
C LEU A 220 13.97 -17.43 5.34
N PRO A 221 13.23 -18.54 5.20
CA PRO A 221 13.59 -19.59 4.24
C PRO A 221 13.65 -19.11 2.80
N PHE A 222 12.57 -18.46 2.37
CA PHE A 222 12.42 -18.00 1.00
C PHE A 222 13.36 -16.87 0.60
N GLU A 223 13.41 -16.60 -0.70
CA GLU A 223 14.13 -15.45 -1.23
C GLU A 223 13.23 -14.23 -1.15
N PRO A 224 13.80 -13.06 -0.85
CA PRO A 224 13.00 -11.84 -0.88
C PRO A 224 12.46 -11.55 -2.28
N ILE A 225 11.21 -11.12 -2.37
CA ILE A 225 10.68 -10.62 -3.63
C ILE A 225 10.58 -9.09 -3.51
N ILE A 226 9.91 -8.62 -2.46
CA ILE A 226 9.95 -7.21 -2.13
C ILE A 226 10.67 -7.05 -0.80
N LEU A 227 11.66 -6.17 -0.75
CA LEU A 227 12.45 -5.97 0.45
C LEU A 227 11.93 -4.77 1.28
N ILE A 228 11.88 -4.92 2.60
CA ILE A 228 11.70 -3.75 3.47
C ILE A 228 13.10 -3.21 3.75
N ARG A 229 13.44 -2.08 3.14
CA ARG A 229 14.79 -1.55 3.23
C ARG A 229 15.15 -1.16 4.66
N ASP A 230 16.34 -1.54 5.09
CA ASP A 230 16.88 -0.98 6.33
C ASP A 230 17.56 0.37 6.06
N LYS A 231 18.20 0.93 7.08
CA LYS A 231 18.68 2.32 7.04
C LYS A 231 19.94 2.58 6.21
N ASN A 232 20.65 1.51 5.84
CA ASN A 232 21.95 1.66 5.15
C ASN A 232 21.84 1.58 3.64
N LYS A 233 22.23 2.62 2.92
CA LYS A 233 22.22 2.49 1.46
C LYS A 233 23.46 1.73 0.97
N PRO A 234 23.30 0.88 -0.06
CA PRO A 234 24.41 0.17 -0.72
C PRO A 234 25.38 1.16 -1.34
#